data_8HND
#
_entry.id   8HND
#
loop_
_entity.id
_entity.type
_entity.pdbx_description
1 polymer 'Solute carrier organic anion transporter family member 1B1'
2 branched 2-acetamido-2-deoxy-beta-D-glucopyranose-(1-4)-2-acetamido-2-deoxy-beta-D-glucopyranose
3 non-polymer 'estrone 3-sulfate'
4 non-polymer 2-acetamido-2-deoxy-beta-D-glucopyranose
#
_entity_poly.entity_id   1
_entity_poly.type   'polypeptide(L)'
_entity_poly.pdbx_seq_one_letter_code
;MDQNQHLNKTAEAQPSENKKTRYCNGLKMFLAALSLSFIAKTLGAIIMKSSIIHIERRFEISSSLVGFIDGSFEIGNLLV
IVFVSYFGSKLHRPKLIGIGCFIMGIGGVLTALPHFFMGYYRYSKETNINSSENSTSTLSTCLINQILSLNRASPEIVGK
GCLKESGSYMWIYVFMGNMLRGIGETPIVPLGLSYIDDFAKEGHSSLYLGILNAIAMIGPIIGFTLGSLFSKMYVDIGYV
DLSTIRITPTDSRWVGAWWLNFLVSGLFSIISSIPFFFLPQTPNKPQKERKASLSLHVLETNDEKDQTANLTNQGKNITK
NVTGFFQSFKSILTNPLYVMFVLLTLLQVSSYIGAFTYVFKYVEQQYGQPSSKANILLGVITIPIFASGMFLGGYIIKKF
KLNTVGIAKFSCFTAVMSLSFYLLYFFILCENKSVAGLTMTYDGNNPVTSHRDVPLSYCNSDCNCDESQWEPVCGNNGIT
YISPCLAGCKSSSGNKKPIVFYNCSCLEVTGLQNRNYSAHLGECPRDDACTRKFYFFVAIQVLNLFFSALGGTSHVMLIV
KIVQPELKSLALGFHSMVIRALGGILAPIYFGALIDTTCIKWSTNNCGTRGSCRTYNSTSFSRVYLGLSSMLRVSSLVLY
IILIYAMKKKYQEKDINASENGSVMDEANLESLNKNKHFVPSAGADSETHCLEGSDEVDAGSHHHHHHHHHHGSVEDYKD
DDDK
;
_entity_poly.pdbx_strand_id   A
#
loop_
_chem_comp.id
_chem_comp.type
_chem_comp.name
_chem_comp.formula
FY5 non-polymer 'estrone 3-sulfate' 'C18 H22 O5 S'
NAG D-saccharide, beta linking 2-acetamido-2-deoxy-beta-D-glucopyranose 'C8 H15 N O6'
#
# COMPACT_ATOMS: atom_id res chain seq x y z
N GLY A 26 38.08 8.31 10.52
CA GLY A 26 38.38 7.12 9.74
C GLY A 26 37.26 6.29 9.17
N LEU A 27 36.27 5.92 9.97
CA LEU A 27 35.24 5.03 9.50
C LEU A 27 34.16 5.81 8.86
N LYS A 28 34.45 6.42 7.72
CA LYS A 28 33.46 7.20 7.00
C LYS A 28 32.92 6.24 6.00
N MET A 29 33.76 5.28 5.64
CA MET A 29 33.35 4.28 4.69
C MET A 29 32.13 3.55 5.22
N PHE A 30 32.20 3.13 6.48
CA PHE A 30 31.09 2.33 7.01
C PHE A 30 29.81 3.15 6.94
N LEU A 31 29.87 4.41 7.34
CA LEU A 31 28.67 5.23 7.35
C LEU A 31 28.11 5.41 5.94
N ALA A 32 28.97 5.66 4.96
CA ALA A 32 28.50 5.80 3.60
C ALA A 32 27.79 4.54 3.17
N ALA A 33 28.40 3.41 3.45
CA ALA A 33 27.81 2.16 3.02
C ALA A 33 26.46 1.96 3.67
N LEU A 34 26.35 2.29 4.96
CA LEU A 34 25.10 2.03 5.67
C LEU A 34 24.03 2.96 5.13
N SER A 35 24.41 4.17 4.75
CA SER A 35 23.46 5.10 4.18
C SER A 35 22.95 4.56 2.86
N LEU A 36 23.86 4.05 2.04
CA LEU A 36 23.43 3.45 0.80
C LEU A 36 22.42 2.36 1.13
N SER A 37 22.74 1.54 2.12
CA SER A 37 21.84 0.45 2.48
C SER A 37 20.49 0.95 2.96
N PHE A 38 20.47 1.96 3.83
CA PHE A 38 19.21 2.54 4.32
C PHE A 38 18.43 3.13 3.18
N ILE A 39 19.10 3.76 2.22
CA ILE A 39 18.41 4.27 1.05
C ILE A 39 17.84 3.09 0.32
N ALA A 40 18.62 2.03 0.22
CA ALA A 40 18.16 0.84 -0.49
C ALA A 40 16.97 0.20 0.19
N LYS A 41 17.03 0.08 1.51
CA LYS A 41 15.94 -0.52 2.28
C LYS A 41 14.64 0.21 2.06
N THR A 42 14.64 1.52 2.19
CA THR A 42 13.43 2.30 2.02
C THR A 42 12.93 2.25 0.57
N LEU A 43 13.85 2.28 -0.38
CA LEU A 43 13.47 2.19 -1.77
C LEU A 43 12.72 0.90 -1.92
N GLY A 44 13.21 -0.15 -1.28
CA GLY A 44 12.57 -1.44 -1.40
C GLY A 44 11.15 -1.46 -0.88
N ALA A 45 10.93 -0.90 0.30
CA ALA A 45 9.61 -0.93 0.91
C ALA A 45 8.55 -0.24 0.07
N ILE A 46 8.88 0.89 -0.53
CA ILE A 46 7.93 1.58 -1.38
C ILE A 46 7.65 0.78 -2.65
N ILE A 47 8.71 0.36 -3.33
CA ILE A 47 8.56 -0.45 -4.52
C ILE A 47 7.58 -1.58 -4.29
N MET A 48 7.47 -2.07 -3.06
CA MET A 48 6.48 -3.09 -2.79
C MET A 48 5.10 -2.49 -2.63
N LYS A 49 4.97 -1.45 -1.82
CA LYS A 49 3.65 -0.86 -1.55
C LYS A 49 3.11 -0.03 -2.70
N SER A 50 3.95 0.31 -3.67
CA SER A 50 3.48 1.04 -4.83
C SER A 50 3.15 0.08 -5.95
N SER A 51 3.52 -1.18 -5.78
CA SER A 51 3.20 -2.18 -6.78
C SER A 51 2.05 -3.06 -6.35
N ILE A 52 1.51 -2.82 -5.15
CA ILE A 52 0.38 -3.61 -4.64
C ILE A 52 -0.76 -3.51 -5.62
N ILE A 53 -1.07 -2.28 -6.03
CA ILE A 53 -2.16 -2.05 -6.96
C ILE A 53 -1.91 -2.69 -8.31
N HIS A 54 -0.69 -3.14 -8.57
CA HIS A 54 -0.36 -3.74 -9.85
C HIS A 54 -0.27 -5.25 -9.74
N ILE A 55 0.51 -5.74 -8.78
CA ILE A 55 0.63 -7.16 -8.58
C ILE A 55 -0.76 -7.72 -8.39
N GLU A 56 -1.53 -7.16 -7.47
CA GLU A 56 -2.89 -7.61 -7.27
C GLU A 56 -3.62 -7.52 -8.58
N ARG A 57 -3.56 -6.37 -9.24
CA ARG A 57 -4.35 -6.27 -10.46
C ARG A 57 -3.95 -7.32 -11.50
N ARG A 58 -2.67 -7.71 -11.54
CA ARG A 58 -2.18 -8.63 -12.60
C ARG A 58 -2.21 -10.12 -12.40
N PHE A 59 -1.69 -10.59 -11.27
CA PHE A 59 -1.79 -12.00 -10.94
C PHE A 59 -3.23 -12.33 -10.65
N GLU A 60 -4.09 -11.33 -10.68
CA GLU A 60 -5.52 -11.52 -10.37
C GLU A 60 -5.95 -12.08 -9.03
N ILE A 61 -5.37 -11.58 -7.95
CA ILE A 61 -5.70 -12.05 -6.63
C ILE A 61 -6.59 -11.07 -5.89
N SER A 62 -7.20 -11.50 -4.79
CA SER A 62 -8.04 -10.62 -4.00
C SER A 62 -7.19 -9.69 -3.19
N SER A 63 -7.81 -8.74 -2.51
CA SER A 63 -7.06 -7.81 -1.69
C SER A 63 -6.45 -8.52 -0.50
N SER A 64 -7.08 -9.58 -0.03
CA SER A 64 -6.56 -10.30 1.12
C SER A 64 -5.18 -10.84 0.82
N LEU A 65 -5.04 -11.61 -0.25
CA LEU A 65 -3.74 -12.17 -0.61
C LEU A 65 -2.75 -11.06 -0.90
N VAL A 66 -3.17 -10.00 -1.59
CA VAL A 66 -2.21 -8.97 -1.93
C VAL A 66 -1.78 -8.34 -0.63
N GLY A 67 -2.50 -8.65 0.42
CA GLY A 67 -2.06 -8.16 1.72
C GLY A 67 -1.10 -9.21 2.22
N PHE A 68 -1.42 -10.49 2.05
CA PHE A 68 -0.54 -11.58 2.47
C PHE A 68 0.80 -11.45 1.82
N ILE A 69 0.81 -11.28 0.50
CA ILE A 69 2.06 -11.12 -0.22
C ILE A 69 2.81 -9.94 0.34
N ASP A 70 2.11 -8.85 0.61
CA ASP A 70 2.75 -7.65 1.13
C ASP A 70 3.32 -7.92 2.47
N GLY A 71 2.67 -8.77 3.25
CA GLY A 71 3.13 -9.06 4.58
C GLY A 71 4.22 -10.09 4.59
N SER A 72 4.33 -10.89 3.55
CA SER A 72 5.31 -11.94 3.55
C SER A 72 6.67 -11.37 3.84
N PHE A 73 6.86 -10.12 3.47
CA PHE A 73 8.12 -9.47 3.75
C PHE A 73 8.38 -9.53 5.23
N GLU A 74 7.38 -9.20 6.04
CA GLU A 74 7.54 -9.26 7.47
C GLU A 74 7.67 -10.71 7.86
N ILE A 75 6.83 -11.56 7.29
CA ILE A 75 6.87 -12.98 7.63
C ILE A 75 8.31 -13.48 7.61
N GLY A 76 9.05 -13.10 6.58
CA GLY A 76 10.46 -13.45 6.53
C GLY A 76 11.26 -12.80 7.64
N ASN A 77 10.95 -11.55 7.97
CA ASN A 77 11.66 -10.87 9.04
C ASN A 77 11.45 -11.61 10.35
N LEU A 78 10.23 -12.07 10.60
CA LEU A 78 9.97 -12.83 11.81
C LEU A 78 10.66 -14.19 11.75
N LEU A 79 10.91 -14.71 10.56
CA LEU A 79 11.63 -15.99 10.49
C LEU A 79 13.10 -15.83 10.88
N VAL A 80 13.82 -14.93 10.21
CA VAL A 80 15.25 -14.75 10.49
C VAL A 80 15.52 -14.48 11.96
N ILE A 81 14.64 -13.73 12.61
CA ILE A 81 14.79 -13.44 14.03
C ILE A 81 14.86 -14.72 14.83
N VAL A 82 13.86 -15.57 14.71
CA VAL A 82 13.83 -16.81 15.46
C VAL A 82 15.08 -17.64 15.24
N PHE A 83 15.49 -17.77 13.98
CA PHE A 83 16.67 -18.59 13.64
C PHE A 83 17.96 -18.11 14.28
N VAL A 84 18.11 -16.81 14.45
CA VAL A 84 19.29 -16.27 15.09
C VAL A 84 19.14 -16.45 16.59
N SER A 85 17.92 -16.30 17.09
CA SER A 85 17.74 -16.37 18.54
C SER A 85 18.16 -17.72 19.08
N TYR A 86 17.82 -18.80 18.38
CA TYR A 86 18.29 -20.11 18.80
C TYR A 86 19.17 -20.59 17.67
N PHE A 87 20.44 -20.87 17.95
CA PHE A 87 21.40 -21.26 16.91
C PHE A 87 21.97 -20.19 15.96
N GLY A 88 22.14 -18.97 16.45
CA GLY A 88 22.73 -17.90 15.63
C GLY A 88 23.24 -16.70 16.41
N SER A 89 24.02 -15.81 15.77
CA SER A 89 24.54 -14.59 16.43
C SER A 89 25.27 -13.70 15.44
N LYS A 90 25.54 -12.44 15.80
CA LYS A 90 26.34 -11.59 14.92
C LYS A 90 27.80 -11.99 14.84
N LEU A 91 28.36 -11.96 13.63
CA LEU A 91 29.77 -12.28 13.43
C LEU A 91 30.31 -11.43 12.30
N HIS A 92 31.37 -10.67 12.55
CA HIS A 92 31.90 -9.78 11.52
C HIS A 92 30.89 -8.90 10.83
N ARG A 93 30.30 -7.98 11.57
CA ARG A 93 29.14 -7.21 11.09
C ARG A 93 29.15 -6.71 9.64
N PRO A 94 30.28 -6.17 9.13
CA PRO A 94 30.19 -5.61 7.77
C PRO A 94 29.87 -6.65 6.71
N LYS A 95 30.55 -7.80 6.73
CA LYS A 95 30.27 -8.84 5.75
C LYS A 95 28.85 -9.37 5.92
N LEU A 96 28.34 -9.37 7.14
CA LEU A 96 26.96 -9.82 7.35
C LEU A 96 26.01 -8.83 6.72
N ILE A 97 26.19 -7.55 7.01
CA ILE A 97 25.35 -6.54 6.37
C ILE A 97 25.43 -6.69 4.84
N GLY A 98 26.61 -7.01 4.33
CA GLY A 98 26.77 -7.16 2.90
C GLY A 98 25.98 -8.32 2.34
N ILE A 99 26.06 -9.49 2.98
CA ILE A 99 25.29 -10.64 2.52
C ILE A 99 23.80 -10.39 2.71
N GLY A 100 23.42 -9.59 3.71
CA GLY A 100 22.01 -9.25 3.86
C GLY A 100 21.49 -8.38 2.72
N CYS A 101 22.24 -7.33 2.38
CA CYS A 101 21.83 -6.49 1.28
C CYS A 101 21.87 -7.23 -0.05
N PHE A 102 22.85 -8.13 -0.22
CA PHE A 102 22.91 -8.95 -1.42
C PHE A 102 21.68 -9.83 -1.54
N ILE A 103 21.25 -10.43 -0.43
CA ILE A 103 20.05 -11.27 -0.45
C ILE A 103 18.81 -10.43 -0.71
N MET A 104 18.78 -9.20 -0.19
CA MET A 104 17.67 -8.31 -0.49
C MET A 104 17.59 -8.00 -1.98
N GLY A 105 18.74 -7.76 -2.60
CA GLY A 105 18.74 -7.51 -4.04
C GLY A 105 18.34 -8.73 -4.84
N ILE A 106 18.86 -9.90 -4.50
CA ILE A 106 18.45 -11.10 -5.20
C ILE A 106 16.95 -11.19 -5.06
N GLY A 107 16.44 -11.02 -3.84
CA GLY A 107 15.02 -11.18 -3.63
C GLY A 107 14.18 -10.22 -4.46
N GLY A 108 14.66 -8.98 -4.61
CA GLY A 108 13.98 -8.08 -5.54
C GLY A 108 13.99 -8.62 -6.96
N VAL A 109 15.14 -9.14 -7.40
CA VAL A 109 15.23 -9.71 -8.73
C VAL A 109 14.30 -10.92 -8.87
N LEU A 110 14.23 -11.74 -7.82
CA LEU A 110 13.33 -12.90 -7.84
C LEU A 110 11.89 -12.45 -7.94
N THR A 111 11.54 -11.41 -7.20
CA THR A 111 10.16 -10.92 -7.24
C THR A 111 9.83 -10.37 -8.62
N ALA A 112 10.81 -9.79 -9.32
CA ALA A 112 10.57 -9.34 -10.68
C ALA A 112 10.51 -10.51 -11.66
N LEU A 113 11.16 -11.62 -11.32
CA LEU A 113 11.26 -12.75 -12.24
C LEU A 113 9.95 -13.33 -12.75
N PRO A 114 8.86 -13.44 -11.96
CA PRO A 114 7.64 -14.08 -12.48
C PRO A 114 7.10 -13.48 -13.77
N HIS A 115 7.55 -12.28 -14.14
CA HIS A 115 7.01 -11.66 -15.34
C HIS A 115 7.60 -12.26 -16.61
N PHE A 116 8.81 -12.78 -16.54
CA PHE A 116 9.46 -13.24 -17.77
C PHE A 116 9.07 -14.65 -18.14
N PHE A 117 8.44 -15.38 -17.24
CA PHE A 117 7.98 -16.71 -17.61
C PHE A 117 6.50 -16.96 -17.37
N MET A 118 5.69 -15.92 -17.44
CA MET A 118 4.29 -16.10 -17.13
C MET A 118 3.41 -15.96 -18.37
N GLY A 119 3.67 -14.92 -19.16
CA GLY A 119 2.90 -14.70 -20.36
C GLY A 119 2.39 -13.29 -20.49
N TYR A 120 1.64 -13.02 -21.54
CA TYR A 120 1.10 -11.69 -21.77
C TYR A 120 -0.12 -11.41 -20.90
N TYR A 121 -0.20 -10.21 -20.33
CA TYR A 121 -1.31 -9.89 -19.45
C TYR A 121 -2.55 -9.64 -20.24
N ARG A 122 -3.24 -10.69 -20.63
CA ARG A 122 -4.47 -10.53 -21.36
C ARG A 122 -5.58 -11.22 -20.61
N THR A 138 -14.79 -8.97 -25.47
CA THR A 138 -15.46 -8.13 -24.48
C THR A 138 -16.04 -6.90 -25.15
N LEU A 139 -15.47 -6.50 -26.28
CA LEU A 139 -16.01 -5.38 -27.01
C LEU A 139 -17.22 -5.86 -27.75
N SER A 140 -17.63 -7.10 -27.49
CA SER A 140 -18.76 -7.66 -28.18
C SER A 140 -19.97 -6.77 -28.05
N THR A 141 -20.55 -6.37 -29.17
CA THR A 141 -21.77 -5.60 -29.10
C THR A 141 -22.94 -6.57 -28.96
N CYS A 142 -24.14 -6.04 -28.88
CA CYS A 142 -25.31 -6.90 -28.68
C CYS A 142 -25.43 -7.98 -29.74
N LEU A 143 -25.74 -9.20 -29.31
CA LEU A 143 -25.87 -10.30 -30.24
C LEU A 143 -27.30 -10.76 -30.26
N ILE A 144 -28.23 -9.82 -30.41
CA ILE A 144 -29.63 -10.22 -30.55
C ILE A 144 -29.69 -11.02 -31.84
N ASN A 145 -28.94 -10.58 -32.84
CA ASN A 145 -28.88 -11.30 -34.11
C ASN A 145 -28.82 -12.81 -33.93
N GLN A 146 -27.91 -13.30 -33.08
CA GLN A 146 -27.82 -14.74 -32.84
C GLN A 146 -28.31 -15.11 -31.44
N ILE A 147 -29.39 -15.87 -31.36
CA ILE A 147 -29.99 -16.18 -30.07
C ILE A 147 -30.26 -17.66 -29.89
N LEU A 148 -30.16 -18.14 -28.66
CA LEU A 148 -30.41 -19.56 -28.38
C LEU A 148 -29.45 -20.44 -29.14
N SER A 149 -28.36 -19.86 -29.63
CA SER A 149 -27.36 -20.63 -30.36
C SER A 149 -26.14 -20.78 -29.49
N LYS A 160 -10.22 -27.50 -18.12
CA LYS A 160 -9.19 -28.48 -17.75
C LYS A 160 -7.85 -27.80 -17.57
N GLY A 161 -7.33 -27.20 -18.64
CA GLY A 161 -6.07 -26.49 -18.55
C GLY A 161 -6.18 -25.36 -17.56
N CYS A 162 -7.30 -24.64 -17.60
CA CYS A 162 -7.50 -23.54 -16.66
C CYS A 162 -7.52 -24.07 -15.24
N LEU A 163 -8.14 -25.23 -15.03
CA LEU A 163 -8.14 -25.84 -13.72
C LEU A 163 -6.71 -26.07 -13.29
N LYS A 164 -5.96 -26.78 -14.12
CA LYS A 164 -4.56 -27.03 -13.82
C LYS A 164 -3.76 -25.80 -14.18
N GLU A 165 -4.01 -24.71 -13.49
CA GLU A 165 -3.30 -23.46 -13.77
C GLU A 165 -2.22 -23.19 -12.75
N SER A 166 -0.97 -23.49 -13.09
CA SER A 166 0.12 -23.16 -12.20
C SER A 166 0.11 -21.66 -12.05
N GLY A 167 -0.23 -20.96 -13.12
CA GLY A 167 -0.31 -19.52 -13.07
C GLY A 167 -1.12 -19.04 -11.88
N SER A 168 -2.06 -19.85 -11.43
CA SER A 168 -2.88 -19.48 -10.28
C SER A 168 -2.05 -19.36 -9.02
N TYR A 169 -1.03 -20.19 -8.88
CA TYR A 169 -0.16 -20.10 -7.75
C TYR A 169 1.14 -19.61 -8.30
N MET A 170 1.09 -18.49 -9.04
CA MET A 170 2.31 -17.88 -9.51
C MET A 170 2.61 -16.77 -8.57
N TRP A 171 1.58 -16.30 -7.89
CA TRP A 171 1.80 -15.28 -6.91
C TRP A 171 2.77 -15.85 -5.92
N ILE A 172 2.81 -17.17 -5.80
CA ILE A 172 3.66 -17.81 -4.80
C ILE A 172 5.09 -17.42 -5.07
N TYR A 173 5.35 -16.96 -6.29
CA TYR A 173 6.70 -16.55 -6.64
C TYR A 173 6.95 -15.23 -5.98
N VAL A 174 6.13 -14.25 -6.33
CA VAL A 174 6.35 -12.92 -5.77
C VAL A 174 6.34 -13.00 -4.25
N PHE A 175 5.42 -13.79 -3.71
CA PHE A 175 5.33 -13.93 -2.26
C PHE A 175 6.66 -14.41 -1.72
N MET A 176 7.27 -15.39 -2.39
CA MET A 176 8.56 -15.89 -1.96
C MET A 176 9.60 -14.80 -2.07
N GLY A 177 9.76 -14.22 -3.26
CA GLY A 177 10.71 -13.15 -3.44
C GLY A 177 10.63 -12.10 -2.35
N ASN A 178 9.43 -11.69 -1.97
CA ASN A 178 9.26 -10.75 -0.88
C ASN A 178 9.75 -11.31 0.43
N MET A 179 9.47 -12.59 0.69
CA MET A 179 9.99 -13.22 1.90
C MET A 179 11.51 -13.26 1.87
N LEU A 180 12.11 -13.49 0.71
CA LEU A 180 13.54 -13.45 0.60
C LEU A 180 13.96 -12.06 1.01
N ARG A 181 13.38 -11.06 0.37
CA ARG A 181 13.73 -9.69 0.71
C ARG A 181 13.66 -9.45 2.22
N GLY A 182 12.64 -10.01 2.87
CA GLY A 182 12.54 -9.87 4.31
C GLY A 182 13.66 -10.57 5.05
N ILE A 183 14.00 -11.79 4.63
CA ILE A 183 15.10 -12.51 5.25
C ILE A 183 16.41 -11.76 5.08
N GLY A 184 16.58 -11.05 3.97
CA GLY A 184 17.82 -10.36 3.72
C GLY A 184 17.91 -8.98 4.33
N GLU A 185 16.80 -8.33 4.59
CA GLU A 185 16.87 -6.94 5.09
C GLU A 185 17.16 -6.87 6.57
N THR A 186 16.64 -7.80 7.32
CA THR A 186 16.78 -7.74 8.79
C THR A 186 18.19 -7.42 9.27
N PRO A 187 19.26 -8.02 8.75
CA PRO A 187 20.60 -7.70 9.28
C PRO A 187 20.98 -6.23 9.19
N ILE A 188 20.32 -5.44 8.34
CA ILE A 188 20.78 -4.08 8.07
C ILE A 188 20.72 -3.23 9.33
N VAL A 189 19.51 -3.00 9.85
CA VAL A 189 19.30 -1.96 10.85
C VAL A 189 19.97 -2.31 12.17
N PRO A 190 19.61 -3.43 12.84
CA PRO A 190 20.17 -3.67 14.18
C PRO A 190 21.68 -3.92 14.16
N LEU A 191 22.17 -4.70 13.19
CA LEU A 191 23.59 -4.99 13.16
C LEU A 191 24.40 -3.77 12.73
N GLY A 192 23.86 -2.95 11.84
CA GLY A 192 24.53 -1.72 11.47
C GLY A 192 24.61 -0.78 12.66
N LEU A 193 23.53 -0.67 13.42
CA LEU A 193 23.55 0.18 14.61
C LEU A 193 24.50 -0.38 15.65
N SER A 194 24.62 -1.70 15.74
CA SER A 194 25.57 -2.30 16.67
C SER A 194 27.01 -1.96 16.27
N TYR A 195 27.33 -2.08 14.99
CA TYR A 195 28.66 -1.70 14.53
C TYR A 195 28.92 -0.22 14.79
N ILE A 196 27.93 0.62 14.52
CA ILE A 196 28.09 2.03 14.79
C ILE A 196 28.43 2.22 16.26
N ASP A 197 27.61 1.66 17.14
CA ASP A 197 27.84 1.83 18.57
C ASP A 197 29.20 1.25 18.98
N ASP A 198 29.70 0.27 18.22
CA ASP A 198 31.04 -0.24 18.50
C ASP A 198 32.10 0.77 18.12
N PHE A 199 31.87 1.54 17.06
CA PHE A 199 32.78 2.62 16.65
C PHE A 199 32.04 3.95 16.74
N ALA A 200 32.02 4.54 17.94
CA ALA A 200 31.33 5.80 18.18
C ALA A 200 31.87 6.44 19.46
N LYS A 201 32.11 7.74 19.40
CA LYS A 201 32.50 8.50 20.58
C LYS A 201 31.26 8.83 21.40
N GLU A 202 31.40 9.73 22.38
CA GLU A 202 30.29 10.09 23.24
C GLU A 202 29.16 10.75 22.45
N GLY A 203 27.96 10.19 22.58
CA GLY A 203 26.83 10.73 21.84
C GLY A 203 27.08 10.64 20.35
N HIS A 204 27.25 9.42 19.84
CA HIS A 204 27.51 9.25 18.41
C HIS A 204 26.58 8.22 17.76
N SER A 205 26.51 7.01 18.30
CA SER A 205 25.72 5.97 17.67
C SER A 205 24.27 6.38 17.46
N SER A 206 23.64 6.92 18.49
CA SER A 206 22.25 7.34 18.37
C SER A 206 22.09 8.48 17.37
N LEU A 207 22.93 9.51 17.49
CA LEU A 207 22.85 10.64 16.58
C LEU A 207 23.08 10.12 15.19
N TYR A 208 23.94 9.12 15.07
CA TYR A 208 24.21 8.53 13.77
C TYR A 208 22.94 7.89 13.22
N LEU A 209 22.16 7.28 14.10
CA LEU A 209 20.89 6.73 13.63
C LEU A 209 20.08 7.85 13.01
N GLY A 210 20.05 9.00 13.68
CA GLY A 210 19.29 10.12 13.17
C GLY A 210 19.77 10.56 11.80
N ILE A 211 21.08 10.76 11.65
CA ILE A 211 21.60 11.23 10.38
C ILE A 211 21.34 10.22 9.28
N LEU A 212 21.50 8.93 9.60
CA LEU A 212 21.27 7.89 8.60
C LEU A 212 19.80 7.84 8.22
N ASN A 213 18.92 7.99 9.20
CA ASN A 213 17.50 7.98 8.92
C ASN A 213 17.14 9.13 8.01
N ALA A 214 17.76 10.29 8.22
CA ALA A 214 17.49 11.42 7.36
C ALA A 214 17.85 11.11 5.92
N ILE A 215 19.06 10.62 5.68
CA ILE A 215 19.49 10.33 4.30
C ILE A 215 18.64 9.25 3.69
N ALA A 216 18.12 8.36 4.53
CA ALA A 216 17.30 7.28 4.02
C ALA A 216 16.09 7.84 3.33
N MET A 217 15.67 9.03 3.74
CA MET A 217 14.47 9.62 3.17
C MET A 217 14.72 10.06 1.73
N ILE A 218 15.90 9.77 1.19
CA ILE A 218 16.15 10.07 -0.21
C ILE A 218 15.62 8.92 -1.03
N GLY A 219 15.50 7.76 -0.40
CA GLY A 219 14.99 6.59 -1.09
C GLY A 219 13.52 6.71 -1.38
N PRO A 220 12.69 6.90 -0.35
CA PRO A 220 11.28 6.97 -0.72
C PRO A 220 11.05 8.00 -1.81
N ILE A 221 11.91 9.02 -1.91
CA ILE A 221 11.72 10.05 -2.92
C ILE A 221 11.93 9.47 -4.30
N ILE A 222 13.01 8.73 -4.49
CA ILE A 222 13.26 8.08 -5.79
C ILE A 222 12.28 6.95 -6.02
N GLY A 223 11.95 6.21 -4.96
CA GLY A 223 11.05 5.09 -5.10
C GLY A 223 9.73 5.52 -5.68
N PHE A 224 9.14 6.56 -5.10
CA PHE A 224 7.89 7.07 -5.61
C PHE A 224 8.11 7.71 -6.97
N THR A 225 9.21 8.41 -7.16
CA THR A 225 9.48 9.02 -8.44
C THR A 225 9.60 7.96 -9.53
N LEU A 226 10.41 6.94 -9.30
CA LEU A 226 10.55 5.85 -10.26
C LEU A 226 9.23 5.12 -10.38
N GLY A 227 8.57 4.91 -9.25
CA GLY A 227 7.29 4.22 -9.25
C GLY A 227 6.28 4.97 -10.07
N SER A 228 6.39 6.30 -10.09
CA SER A 228 5.48 7.11 -10.87
C SER A 228 5.83 6.98 -12.33
N LEU A 229 7.08 6.70 -12.63
CA LEU A 229 7.51 6.58 -14.02
C LEU A 229 7.16 5.23 -14.57
N PHE A 230 7.22 4.19 -13.74
CA PHE A 230 7.00 2.84 -14.27
C PHE A 230 5.53 2.44 -14.19
N SER A 231 4.73 3.17 -13.43
CA SER A 231 3.30 2.88 -13.44
C SER A 231 2.58 3.57 -14.54
N LYS A 232 3.33 4.13 -15.48
CA LYS A 232 2.74 4.73 -16.66
C LYS A 232 3.13 3.87 -17.84
N MET A 233 4.08 2.96 -17.63
CA MET A 233 4.52 2.09 -18.70
C MET A 233 3.82 0.76 -18.59
N TYR A 234 3.13 0.35 -19.64
CA TYR A 234 2.37 -0.90 -19.62
C TYR A 234 3.24 -2.08 -19.21
N VAL A 235 2.60 -3.10 -18.63
CA VAL A 235 3.33 -4.19 -18.00
C VAL A 235 4.28 -4.84 -18.98
N ASP A 236 3.80 -5.11 -20.19
CA ASP A 236 4.64 -5.69 -21.24
C ASP A 236 4.97 -4.41 -22.00
N ILE A 237 6.04 -3.77 -21.55
CA ILE A 237 6.52 -2.62 -22.30
C ILE A 237 7.75 -3.19 -23.00
N GLY A 238 7.95 -2.88 -24.25
CA GLY A 238 9.04 -3.40 -25.05
C GLY A 238 8.70 -4.68 -25.78
N TYR A 239 7.80 -5.48 -25.20
CA TYR A 239 7.39 -6.72 -25.84
C TYR A 239 6.25 -6.48 -26.83
N VAL A 240 5.22 -5.77 -26.41
CA VAL A 240 4.05 -5.52 -27.24
C VAL A 240 4.12 -4.08 -27.75
N ASP A 241 3.54 -3.87 -28.93
CA ASP A 241 3.49 -2.55 -29.55
C ASP A 241 2.44 -1.74 -28.80
N LEU A 242 2.87 -0.68 -28.12
CA LEU A 242 2.00 0.05 -27.19
C LEU A 242 0.96 0.90 -27.90
N SER A 243 0.87 0.79 -29.23
CA SER A 243 -0.15 1.54 -29.95
C SER A 243 -1.49 0.81 -29.99
N THR A 244 -1.52 -0.48 -29.65
CA THR A 244 -2.73 -1.27 -29.73
C THR A 244 -3.42 -1.48 -28.39
N ILE A 245 -2.70 -1.35 -27.28
CA ILE A 245 -3.27 -1.55 -25.95
C ILE A 245 -4.37 -0.52 -25.71
N ARG A 246 -5.57 -0.99 -25.44
CA ARG A 246 -6.69 -0.08 -25.28
C ARG A 246 -6.82 0.44 -23.87
N ILE A 247 -6.45 -0.36 -22.88
CA ILE A 247 -6.65 0.06 -21.51
C ILE A 247 -5.76 1.25 -21.20
N THR A 248 -6.27 2.16 -20.37
CA THR A 248 -5.63 3.41 -20.02
C THR A 248 -5.22 3.39 -18.55
N PRO A 249 -4.26 4.24 -18.15
CA PRO A 249 -3.80 4.22 -16.76
C PRO A 249 -4.90 4.51 -15.75
N THR A 250 -5.97 5.17 -16.19
CA THR A 250 -7.07 5.46 -15.29
C THR A 250 -8.01 4.27 -15.15
N ASP A 251 -7.98 3.35 -16.10
CA ASP A 251 -8.85 2.19 -16.07
C ASP A 251 -8.51 1.28 -14.89
N SER A 252 -9.33 0.28 -14.63
CA SER A 252 -9.10 -0.62 -13.49
C SER A 252 -8.54 -1.96 -13.90
N ARG A 253 -8.00 -2.06 -15.10
CA ARG A 253 -7.41 -3.30 -15.56
C ARG A 253 -5.99 -3.01 -15.98
N TRP A 254 -5.56 -1.78 -15.78
CA TRP A 254 -4.21 -1.35 -16.14
C TRP A 254 -3.26 -1.80 -15.04
N VAL A 255 -2.30 -2.63 -15.40
CA VAL A 255 -1.23 -3.05 -14.50
C VAL A 255 0.08 -2.50 -15.04
N GLY A 256 0.67 -1.55 -14.33
CA GLY A 256 1.88 -0.92 -14.77
C GLY A 256 3.08 -1.85 -14.69
N ALA A 257 4.22 -1.35 -15.13
CA ALA A 257 5.44 -2.14 -15.18
C ALA A 257 5.77 -2.11 -13.69
N TRP A 258 5.41 -3.16 -12.97
CA TRP A 258 5.92 -3.41 -11.62
C TRP A 258 7.27 -4.12 -11.65
N TRP A 259 7.48 -5.01 -12.63
CA TRP A 259 8.72 -5.76 -12.68
C TRP A 259 9.92 -4.83 -12.83
N LEU A 260 9.73 -3.69 -13.50
CA LEU A 260 10.80 -2.70 -13.57
C LEU A 260 11.09 -2.12 -12.19
N ASN A 261 10.04 -1.79 -11.43
CA ASN A 261 10.23 -1.37 -10.05
C ASN A 261 11.11 -2.35 -9.30
N PHE A 262 10.76 -3.64 -9.38
CA PHE A 262 11.47 -4.63 -8.56
C PHE A 262 12.88 -4.86 -9.07
N LEU A 263 13.09 -4.84 -10.39
CA LEU A 263 14.44 -5.02 -10.92
C LEU A 263 15.34 -3.86 -10.55
N VAL A 264 14.81 -2.64 -10.60
CA VAL A 264 15.62 -1.48 -10.22
C VAL A 264 15.94 -1.51 -8.74
N SER A 265 14.95 -1.85 -7.91
CA SER A 265 15.21 -1.98 -6.48
C SER A 265 16.26 -3.05 -6.20
N GLY A 266 16.20 -4.17 -6.92
CA GLY A 266 17.17 -5.23 -6.69
C GLY A 266 18.57 -4.86 -7.13
N LEU A 267 18.68 -4.20 -8.28
CA LEU A 267 20.00 -3.76 -8.74
C LEU A 267 20.58 -2.71 -7.83
N PHE A 268 19.75 -1.78 -7.36
CA PHE A 268 20.22 -0.81 -6.37
C PHE A 268 20.69 -1.52 -5.09
N SER A 269 19.93 -2.51 -4.64
CA SER A 269 20.31 -3.23 -3.43
C SER A 269 21.62 -3.96 -3.61
N ILE A 270 21.84 -4.56 -4.79
CA ILE A 270 23.09 -5.27 -5.03
C ILE A 270 24.26 -4.29 -5.08
N ILE A 271 24.07 -3.15 -5.77
CA ILE A 271 25.14 -2.17 -5.85
C ILE A 271 25.47 -1.63 -4.47
N SER A 272 24.45 -1.48 -3.61
CA SER A 272 24.71 -1.01 -2.25
C SER A 272 25.31 -2.10 -1.38
N SER A 273 25.11 -3.37 -1.75
CA SER A 273 25.76 -4.46 -1.04
C SER A 273 27.23 -4.55 -1.41
N ILE A 274 27.58 -4.11 -2.62
CA ILE A 274 28.98 -4.18 -3.06
C ILE A 274 29.96 -3.54 -2.08
N PRO A 275 29.77 -2.29 -1.64
CA PRO A 275 30.82 -1.66 -0.83
C PRO A 275 31.04 -2.30 0.53
N PHE A 276 30.08 -3.08 1.03
CA PHE A 276 30.24 -3.65 2.36
C PHE A 276 31.36 -4.68 2.41
N PHE A 277 31.58 -5.39 1.31
CA PHE A 277 32.81 -6.16 1.19
C PHE A 277 33.99 -5.22 1.03
N PHE A 278 35.17 -5.69 1.47
CA PHE A 278 36.42 -4.94 1.47
C PHE A 278 36.29 -3.73 2.39
N LEU A 279 35.42 -3.81 3.39
CA LEU A 279 35.35 -2.74 4.39
C LEU A 279 36.25 -2.93 5.60
N PRO A 280 36.22 -4.07 6.33
CA PRO A 280 36.93 -4.10 7.61
C PRO A 280 38.44 -4.21 7.43
N GLN A 281 38.89 -4.81 6.34
CA GLN A 281 40.32 -4.99 6.10
C GLN A 281 40.97 -3.69 5.63
N GLY A 324 17.40 -14.78 31.97
CA GLY A 324 17.39 -15.34 30.63
C GLY A 324 16.56 -14.49 29.70
N PHE A 325 16.55 -14.83 28.42
CA PHE A 325 15.77 -14.09 27.45
C PHE A 325 14.31 -14.08 27.87
N PHE A 326 13.72 -15.26 27.95
CA PHE A 326 12.32 -15.36 28.35
C PHE A 326 12.10 -14.66 29.68
N GLN A 327 13.06 -14.81 30.58
CA GLN A 327 12.91 -14.21 31.91
C GLN A 327 12.69 -12.71 31.80
N SER A 328 13.54 -12.03 31.03
CA SER A 328 13.36 -10.60 30.83
C SER A 328 12.10 -10.31 30.04
N PHE A 329 11.80 -11.15 29.05
CA PHE A 329 10.57 -10.96 28.30
C PHE A 329 9.44 -10.96 29.28
N LYS A 330 9.51 -11.87 30.25
CA LYS A 330 8.47 -11.95 31.25
C LYS A 330 8.38 -10.61 31.95
N SER A 331 9.52 -10.07 32.35
CA SER A 331 9.54 -8.78 33.05
C SER A 331 9.06 -7.65 32.14
N ILE A 332 9.55 -7.62 30.91
CA ILE A 332 9.17 -6.54 30.01
C ILE A 332 7.67 -6.53 29.85
N LEU A 333 7.06 -7.69 29.85
CA LEU A 333 5.60 -7.74 29.76
C LEU A 333 5.00 -7.73 31.15
N THR A 334 5.84 -7.86 32.18
CA THR A 334 5.34 -7.76 33.54
C THR A 334 5.03 -6.31 33.84
N ASN A 335 5.82 -5.40 33.28
CA ASN A 335 5.57 -3.97 33.47
C ASN A 335 4.32 -3.55 32.75
N PRO A 336 3.25 -3.28 33.51
CA PRO A 336 1.99 -2.98 32.85
C PRO A 336 2.16 -1.86 31.85
N LEU A 337 2.93 -0.84 32.19
CA LEU A 337 3.06 0.30 31.30
C LEU A 337 3.65 -0.10 29.95
N TYR A 338 4.68 -0.95 29.96
CA TYR A 338 5.30 -1.33 28.71
C TYR A 338 4.26 -1.97 27.85
N VAL A 339 3.44 -2.83 28.44
CA VAL A 339 2.42 -3.50 27.69
C VAL A 339 1.47 -2.50 27.07
N MET A 340 1.05 -1.51 27.85
CA MET A 340 0.14 -0.51 27.33
C MET A 340 0.76 0.16 26.14
N PHE A 341 2.03 0.54 26.27
CA PHE A 341 2.68 1.25 25.18
C PHE A 341 2.77 0.39 23.93
N VAL A 342 3.23 -0.85 24.06
CA VAL A 342 3.39 -1.69 22.88
C VAL A 342 2.04 -1.85 22.22
N LEU A 343 1.00 -2.06 23.02
CA LEU A 343 -0.32 -2.18 22.47
C LEU A 343 -0.70 -0.88 21.82
N LEU A 344 -0.36 0.24 22.46
CA LEU A 344 -0.69 1.55 21.92
C LEU A 344 -0.02 1.73 20.58
N THR A 345 1.26 1.36 20.49
CA THR A 345 1.98 1.50 19.24
C THR A 345 1.43 0.55 18.18
N LEU A 346 1.15 -0.69 18.56
CA LEU A 346 0.65 -1.67 17.60
C LEU A 346 -0.62 -1.15 16.95
N LEU A 347 -1.49 -0.55 17.73
CA LEU A 347 -2.74 -0.05 17.18
C LEU A 347 -2.46 1.03 16.14
N GLN A 348 -1.61 1.99 16.47
CA GLN A 348 -1.33 3.07 15.53
C GLN A 348 -0.65 2.55 14.27
N VAL A 349 0.34 1.68 14.41
CA VAL A 349 1.07 1.20 13.25
C VAL A 349 0.15 0.43 12.32
N SER A 350 -0.77 -0.34 12.88
CA SER A 350 -1.72 -1.06 12.06
C SER A 350 -2.59 -0.07 11.30
N SER A 351 -2.78 1.10 11.87
CA SER A 351 -3.54 2.14 11.19
C SER A 351 -2.67 2.80 10.16
N TYR A 352 -1.37 2.83 10.39
CA TYR A 352 -0.44 3.38 9.41
C TYR A 352 -0.20 2.40 8.26
N ILE A 353 0.01 1.13 8.59
CA ILE A 353 0.39 0.15 7.58
C ILE A 353 -0.79 -0.16 6.66
N GLY A 354 -1.98 -0.34 7.23
CA GLY A 354 -3.15 -0.52 6.37
C GLY A 354 -3.37 0.66 5.45
N ALA A 355 -3.28 1.87 6.02
CA ALA A 355 -3.50 3.07 5.22
C ALA A 355 -2.46 3.17 4.10
N PHE A 356 -1.19 2.91 4.41
CA PHE A 356 -0.18 2.97 3.35
C PHE A 356 -0.44 1.93 2.28
N THR A 357 -0.74 0.70 2.69
CA THR A 357 -0.89 -0.37 1.71
C THR A 357 -2.03 -0.09 0.74
N TYR A 358 -3.13 0.47 1.23
CA TYR A 358 -4.29 0.66 0.37
C TYR A 358 -4.59 2.11 0.03
N VAL A 359 -3.65 3.03 0.27
CA VAL A 359 -3.90 4.44 -0.05
C VAL A 359 -3.98 4.65 -1.55
N PHE A 360 -3.22 3.89 -2.33
CA PHE A 360 -3.28 4.07 -3.78
C PHE A 360 -4.61 3.59 -4.34
N LYS A 361 -5.11 2.46 -3.83
CA LYS A 361 -6.42 1.99 -4.26
C LYS A 361 -7.52 2.93 -3.79
N TYR A 362 -7.39 3.48 -2.59
CA TYR A 362 -8.41 4.44 -2.13
C TYR A 362 -8.39 5.70 -2.98
N VAL A 363 -7.22 6.25 -3.26
CA VAL A 363 -7.14 7.43 -4.09
C VAL A 363 -7.83 7.16 -5.41
N GLU A 364 -7.59 5.99 -6.00
CA GLU A 364 -8.17 5.65 -7.30
C GLU A 364 -9.66 5.39 -7.29
N GLN A 365 -10.19 4.85 -6.20
CA GLN A 365 -11.60 4.49 -6.18
C GLN A 365 -12.47 5.61 -5.66
N GLN A 366 -11.92 6.48 -4.82
CA GLN A 366 -12.70 7.62 -4.37
C GLN A 366 -12.66 8.73 -5.41
N TYR A 367 -11.47 9.26 -5.66
CA TYR A 367 -11.31 10.33 -6.63
C TYR A 367 -10.84 9.67 -7.89
N GLY A 368 -10.83 10.37 -8.99
CA GLY A 368 -10.47 9.69 -10.23
C GLY A 368 -9.00 9.56 -10.49
N GLN A 369 -8.17 10.01 -9.57
CA GLN A 369 -6.74 10.00 -9.82
C GLN A 369 -6.03 8.66 -10.09
N PRO A 370 -5.14 8.56 -11.12
CA PRO A 370 -4.46 7.28 -11.30
C PRO A 370 -3.39 7.05 -10.25
N SER A 371 -2.63 5.97 -10.40
CA SER A 371 -1.57 5.65 -9.46
C SER A 371 -0.30 6.45 -9.69
N SER A 372 -0.05 6.89 -10.92
CA SER A 372 1.17 7.63 -11.22
C SER A 372 1.19 8.98 -10.52
N LYS A 373 0.06 9.70 -10.58
CA LYS A 373 -0.02 10.98 -9.88
C LYS A 373 0.12 10.78 -8.40
N ALA A 374 -0.61 9.83 -7.85
CA ALA A 374 -0.56 9.65 -6.41
C ALA A 374 0.88 9.42 -6.04
N ASN A 375 1.55 8.53 -6.75
CA ASN A 375 2.92 8.19 -6.40
C ASN A 375 3.79 9.43 -6.37
N ILE A 376 3.78 10.23 -7.42
CA ILE A 376 4.67 11.38 -7.47
C ILE A 376 4.30 12.48 -6.45
N LEU A 377 3.02 12.66 -6.16
CA LEU A 377 2.63 13.65 -5.14
C LEU A 377 3.05 13.19 -3.76
N LEU A 378 3.09 11.88 -3.55
CA LEU A 378 3.53 11.38 -2.27
C LEU A 378 5.06 11.45 -2.22
N GLY A 379 5.68 11.35 -3.38
CA GLY A 379 7.14 11.39 -3.39
C GLY A 379 7.74 12.77 -3.41
N VAL A 380 7.05 13.74 -4.02
CA VAL A 380 7.64 15.06 -4.16
C VAL A 380 7.20 15.99 -3.03
N ILE A 381 5.94 15.93 -2.62
CA ILE A 381 5.37 16.89 -1.66
C ILE A 381 5.34 16.30 -0.25
N THR A 382 4.98 15.02 -0.12
CA THR A 382 4.74 14.46 1.21
C THR A 382 6.05 14.07 1.90
N ILE A 383 7.02 13.55 1.14
CA ILE A 383 8.23 13.00 1.76
C ILE A 383 9.16 14.10 2.27
N PRO A 384 9.42 15.19 1.54
CA PRO A 384 10.21 16.27 2.14
C PRO A 384 9.55 16.83 3.39
N ILE A 385 8.23 16.96 3.40
CA ILE A 385 7.55 17.48 4.59
C ILE A 385 7.56 16.45 5.70
N PHE A 386 7.55 15.16 5.36
CA PHE A 386 7.66 14.13 6.39
C PHE A 386 9.06 14.16 7.03
N ALA A 387 10.10 14.36 6.22
CA ALA A 387 11.44 14.46 6.78
C ALA A 387 11.58 15.73 7.63
N SER A 388 11.00 16.84 7.16
CA SER A 388 10.98 18.05 7.96
C SER A 388 10.24 17.82 9.28
N GLY A 389 9.18 17.01 9.24
CA GLY A 389 8.45 16.72 10.46
C GLY A 389 9.26 15.90 11.44
N MET A 390 9.99 14.91 10.94
CA MET A 390 10.83 14.09 11.81
C MET A 390 11.92 14.94 12.41
N PHE A 391 12.56 15.79 11.61
CA PHE A 391 13.59 16.69 12.10
C PHE A 391 13.03 17.65 13.15
N LEU A 392 11.85 18.21 12.89
CA LEU A 392 11.25 19.15 13.82
C LEU A 392 10.86 18.46 15.13
N GLY A 393 10.41 17.22 15.05
CA GLY A 393 10.10 16.49 16.28
C GLY A 393 11.33 16.25 17.12
N GLY A 394 12.42 15.79 16.47
CA GLY A 394 13.67 15.64 17.19
C GLY A 394 14.13 16.93 17.83
N TYR A 395 14.04 18.04 17.09
CA TYR A 395 14.50 19.32 17.61
C TYR A 395 13.62 19.81 18.76
N ILE A 396 12.30 19.63 18.64
CA ILE A 396 11.40 20.04 19.70
C ILE A 396 11.69 19.26 20.98
N ILE A 397 11.89 17.95 20.85
CA ILE A 397 12.20 17.15 22.02
C ILE A 397 13.57 17.52 22.59
N LYS A 398 14.50 17.95 21.74
CA LYS A 398 15.85 18.24 22.20
C LYS A 398 16.01 19.62 22.81
N LYS A 399 15.19 20.60 22.40
CA LYS A 399 15.35 21.97 22.87
C LYS A 399 14.44 22.32 24.02
N PHE A 400 13.15 22.02 23.92
CA PHE A 400 12.18 22.44 24.92
C PHE A 400 12.29 21.69 26.24
N LYS A 401 13.24 20.75 26.36
CA LYS A 401 13.49 20.04 27.61
C LYS A 401 12.24 19.27 28.05
N LEU A 402 11.77 18.37 27.21
CA LEU A 402 10.59 17.58 27.53
C LEU A 402 10.98 16.28 28.22
N ASN A 403 10.58 16.14 29.48
CA ASN A 403 10.90 14.97 30.27
C ASN A 403 9.90 13.84 29.98
N THR A 404 10.03 12.76 30.77
CA THR A 404 9.30 11.53 30.50
C THR A 404 7.79 11.75 30.50
N VAL A 405 7.29 12.24 31.64
CA VAL A 405 5.87 12.54 31.80
C VAL A 405 5.48 13.57 30.75
N GLY A 406 6.43 14.40 30.35
CA GLY A 406 6.16 15.43 29.36
C GLY A 406 6.31 14.97 27.93
N ILE A 407 7.26 14.07 27.66
CA ILE A 407 7.43 13.59 26.29
C ILE A 407 6.22 12.76 25.87
N ALA A 408 5.62 12.04 26.82
CA ALA A 408 4.42 11.27 26.50
C ALA A 408 3.25 12.19 26.20
N LYS A 409 3.12 13.27 26.97
CA LYS A 409 2.07 14.26 26.70
C LYS A 409 2.29 14.91 25.34
N PHE A 410 3.53 15.21 24.99
CA PHE A 410 3.82 15.79 23.69
C PHE A 410 3.47 14.85 22.56
N SER A 411 3.86 13.58 22.69
CA SER A 411 3.53 12.61 21.66
C SER A 411 2.03 12.41 21.54
N CYS A 412 1.33 12.38 22.66
CA CYS A 412 -0.12 12.28 22.59
C CYS A 412 -0.67 13.48 21.84
N PHE A 413 -0.08 14.65 22.09
CA PHE A 413 -0.57 15.86 21.45
C PHE A 413 -0.46 15.69 19.95
N THR A 414 0.68 15.18 19.50
CA THR A 414 0.85 14.98 18.08
C THR A 414 -0.26 14.08 17.56
N ALA A 415 -0.65 13.08 18.35
CA ALA A 415 -1.71 12.16 17.94
C ALA A 415 -3.07 12.85 17.84
N VAL A 416 -3.45 13.64 18.83
CA VAL A 416 -4.72 14.32 18.77
C VAL A 416 -4.72 15.12 17.49
N MET A 417 -3.60 15.77 17.19
CA MET A 417 -3.50 16.57 15.98
C MET A 417 -3.62 15.70 14.74
N SER A 418 -2.89 14.58 14.70
CA SER A 418 -2.97 13.69 13.55
C SER A 418 -4.37 13.14 13.35
N LEU A 419 -4.98 12.68 14.42
CA LEU A 419 -6.32 12.13 14.33
C LEU A 419 -7.30 13.20 13.87
N SER A 420 -7.14 14.44 14.32
CA SER A 420 -8.06 15.48 13.94
C SER A 420 -8.03 15.62 12.45
N PHE A 421 -6.83 15.69 11.89
CA PHE A 421 -6.71 15.81 10.45
C PHE A 421 -7.23 14.57 9.73
N TYR A 422 -6.92 13.39 10.26
CA TYR A 422 -7.38 12.17 9.63
C TYR A 422 -8.89 12.17 9.62
N LEU A 423 -9.49 12.54 10.73
CA LEU A 423 -10.94 12.48 10.83
C LEU A 423 -11.56 13.49 9.90
N LEU A 424 -10.73 14.26 9.20
CA LEU A 424 -11.26 15.24 8.27
C LEU A 424 -11.45 14.55 6.94
N TYR A 425 -10.74 13.45 6.74
CA TYR A 425 -10.88 12.71 5.49
C TYR A 425 -12.33 12.40 5.26
N PHE A 426 -13.10 12.28 6.33
CA PHE A 426 -14.49 11.90 6.19
C PHE A 426 -15.39 13.03 5.70
N PHE A 427 -14.85 14.23 5.53
CA PHE A 427 -15.65 15.32 5.01
C PHE A 427 -15.19 15.79 3.63
N ILE A 428 -14.14 15.18 3.10
CA ILE A 428 -13.67 15.53 1.76
C ILE A 428 -13.95 14.37 0.82
N LEU A 429 -15.08 13.69 0.99
CA LEU A 429 -15.38 12.49 0.18
C LEU A 429 -16.19 12.83 -1.04
N CYS A 430 -16.70 11.81 -1.72
CA CYS A 430 -17.23 11.94 -3.06
C CYS A 430 -18.39 10.98 -3.26
N GLU A 431 -19.37 11.37 -4.04
CA GLU A 431 -20.52 10.50 -4.27
C GLU A 431 -20.10 9.19 -4.91
N ASN A 432 -21.00 8.22 -4.96
CA ASN A 432 -20.69 6.92 -5.53
C ASN A 432 -20.78 6.95 -7.06
N LYS A 433 -19.98 6.11 -7.71
CA LYS A 433 -20.03 6.04 -9.16
C LYS A 433 -21.23 5.21 -9.54
N SER A 434 -22.14 5.79 -10.30
CA SER A 434 -23.31 5.03 -10.75
C SER A 434 -22.94 4.03 -11.83
N VAL A 435 -22.68 2.79 -11.46
CA VAL A 435 -22.33 1.76 -12.43
C VAL A 435 -23.55 0.93 -12.74
N ALA A 436 -24.27 1.29 -13.80
CA ALA A 436 -25.51 0.60 -14.10
C ALA A 436 -25.35 -0.90 -14.06
N GLY A 437 -26.19 -1.56 -13.27
CA GLY A 437 -26.11 -3.01 -13.16
C GLY A 437 -25.33 -3.46 -11.96
N LEU A 438 -24.71 -2.52 -11.25
CA LEU A 438 -23.96 -2.87 -10.06
C LEU A 438 -24.46 -2.10 -8.86
N THR A 439 -24.69 -0.81 -9.02
CA THR A 439 -25.18 0.01 -7.92
C THR A 439 -26.60 0.42 -8.22
N MET A 440 -27.08 0.09 -9.39
CA MET A 440 -28.43 0.45 -9.79
C MET A 440 -28.99 -0.60 -10.72
N THR A 441 -30.27 -0.50 -11.03
CA THR A 441 -30.86 -1.42 -11.98
C THR A 441 -30.26 -1.13 -13.33
N TYR A 442 -30.33 -2.07 -14.26
CA TYR A 442 -29.74 -1.88 -15.56
C TYR A 442 -30.36 -0.70 -16.32
N ASP A 443 -31.64 -0.42 -16.08
CA ASP A 443 -32.27 0.71 -16.76
C ASP A 443 -31.74 2.04 -16.24
N GLY A 444 -30.92 2.01 -15.20
CA GLY A 444 -30.33 3.23 -14.69
C GLY A 444 -31.22 4.16 -13.91
N ASN A 445 -32.43 3.70 -13.55
CA ASN A 445 -33.37 4.53 -12.81
C ASN A 445 -33.72 4.12 -11.39
N ASN A 446 -33.57 2.85 -11.03
CA ASN A 446 -33.93 2.40 -9.69
C ASN A 446 -32.71 1.82 -8.97
N PRO A 447 -32.46 2.24 -7.73
CA PRO A 447 -31.31 1.71 -6.98
C PRO A 447 -31.67 0.49 -6.15
N VAL A 448 -30.79 -0.51 -6.16
CA VAL A 448 -31.12 -1.77 -5.49
C VAL A 448 -30.18 -2.19 -4.37
N THR A 449 -30.68 -3.06 -3.50
CA THR A 449 -29.89 -3.52 -2.36
C THR A 449 -28.65 -4.32 -2.67
N SER A 450 -28.73 -5.22 -3.64
CA SER A 450 -27.59 -6.09 -3.88
C SER A 450 -26.92 -5.97 -5.24
N HIS A 451 -25.61 -5.85 -5.24
CA HIS A 451 -24.87 -5.84 -6.50
C HIS A 451 -25.06 -7.19 -7.16
N ARG A 452 -25.10 -8.24 -6.36
CA ARG A 452 -25.30 -9.59 -6.90
C ARG A 452 -26.71 -9.82 -7.41
N ASP A 453 -26.85 -10.68 -8.41
CA ASP A 453 -28.17 -11.04 -8.94
C ASP A 453 -29.11 -9.89 -9.26
N VAL A 454 -28.67 -8.96 -10.09
CA VAL A 454 -29.54 -7.88 -10.52
C VAL A 454 -30.23 -8.31 -11.80
N PRO A 455 -31.57 -8.35 -11.84
CA PRO A 455 -32.26 -8.84 -13.03
C PRO A 455 -32.03 -7.92 -14.22
N LEU A 456 -31.87 -8.53 -15.39
CA LEU A 456 -31.67 -7.76 -16.61
C LEU A 456 -32.88 -6.88 -16.90
N SER A 457 -32.62 -5.69 -17.42
CA SER A 457 -33.74 -4.83 -17.81
C SER A 457 -34.03 -5.11 -19.26
N TYR A 458 -35.16 -4.60 -19.74
CA TYR A 458 -35.49 -4.78 -21.15
C TYR A 458 -34.30 -4.44 -22.03
N CYS A 459 -33.64 -3.33 -21.76
CA CYS A 459 -32.53 -2.93 -22.64
C CYS A 459 -31.39 -3.93 -22.58
N ASN A 460 -31.07 -4.41 -21.39
CA ASN A 460 -29.99 -5.39 -21.24
C ASN A 460 -30.53 -6.80 -21.08
N SER A 461 -31.55 -7.16 -21.86
CA SER A 461 -32.17 -8.47 -21.70
C SER A 461 -32.06 -9.37 -22.92
N ASP A 462 -32.67 -8.94 -24.02
CA ASP A 462 -32.65 -9.74 -25.23
C ASP A 462 -31.22 -9.92 -25.65
N CYS A 463 -30.42 -8.87 -25.45
CA CYS A 463 -29.01 -8.94 -25.80
C CYS A 463 -28.42 -9.85 -24.75
N ASN A 464 -28.46 -11.16 -25.01
CA ASN A 464 -27.86 -12.12 -24.11
C ASN A 464 -26.36 -12.11 -24.30
N CYS A 465 -25.63 -12.02 -23.19
CA CYS A 465 -24.18 -12.07 -23.28
C CYS A 465 -23.58 -12.30 -21.91
N ASP A 466 -22.26 -12.32 -21.85
CA ASP A 466 -21.57 -12.57 -20.60
C ASP A 466 -22.03 -11.59 -19.53
N GLU A 467 -21.86 -11.98 -18.27
CA GLU A 467 -22.21 -11.09 -17.16
C GLU A 467 -20.99 -10.92 -16.25
N SER A 468 -19.84 -11.38 -16.69
CA SER A 468 -18.61 -11.25 -15.92
C SER A 468 -17.50 -10.54 -16.67
N GLN A 469 -17.86 -9.86 -17.76
CA GLN A 469 -16.89 -9.11 -18.55
C GLN A 469 -16.90 -7.66 -18.11
N TRP A 470 -15.78 -7.19 -17.57
CA TRP A 470 -15.71 -5.79 -17.19
C TRP A 470 -15.05 -5.02 -18.32
N GLU A 471 -15.88 -4.53 -19.24
CA GLU A 471 -15.44 -3.65 -20.33
C GLU A 471 -16.25 -2.36 -20.20
N PRO A 472 -15.92 -1.52 -19.22
CA PRO A 472 -16.82 -0.42 -18.88
C PRO A 472 -16.84 0.65 -19.96
N VAL A 473 -18.06 1.07 -20.31
CA VAL A 473 -18.25 2.20 -21.21
C VAL A 473 -19.21 3.18 -20.55
N CYS A 474 -18.84 4.46 -20.52
CA CYS A 474 -19.75 5.46 -19.98
C CYS A 474 -20.49 6.17 -21.11
N GLY A 475 -21.74 6.51 -20.85
CA GLY A 475 -22.59 7.10 -21.86
C GLY A 475 -22.66 8.61 -21.71
N ASN A 476 -23.48 9.22 -22.57
CA ASN A 476 -23.63 10.66 -22.56
C ASN A 476 -24.19 11.16 -21.23
N ASN A 477 -24.93 10.30 -20.52
CA ASN A 477 -25.51 10.72 -19.24
C ASN A 477 -24.48 10.76 -18.13
N GLY A 478 -23.33 10.12 -18.30
CA GLY A 478 -22.31 10.11 -17.28
C GLY A 478 -22.41 8.96 -16.29
N ILE A 479 -23.25 7.97 -16.55
CA ILE A 479 -23.39 6.80 -15.69
C ILE A 479 -22.61 5.64 -16.31
N THR A 480 -21.71 5.06 -15.54
CA THR A 480 -20.89 3.96 -16.03
C THR A 480 -21.74 2.73 -16.32
N TYR A 481 -21.34 1.97 -17.33
CA TYR A 481 -21.99 0.71 -17.67
C TYR A 481 -20.98 -0.43 -17.51
N ILE A 482 -21.47 -1.66 -17.64
CA ILE A 482 -20.62 -2.81 -17.38
C ILE A 482 -19.86 -3.22 -18.62
N SER A 483 -20.58 -3.45 -19.71
CA SER A 483 -19.97 -3.89 -20.96
C SER A 483 -20.79 -3.30 -22.11
N PRO A 484 -20.17 -3.10 -23.28
CA PRO A 484 -20.94 -2.57 -24.41
C PRO A 484 -22.14 -3.42 -24.79
N CYS A 485 -22.12 -4.71 -24.43
CA CYS A 485 -23.30 -5.54 -24.64
C CYS A 485 -24.30 -5.40 -23.51
N LEU A 486 -23.81 -5.32 -22.27
CA LEU A 486 -24.71 -5.10 -21.13
C LEU A 486 -25.33 -3.72 -21.18
N ALA A 487 -24.89 -2.90 -22.13
CA ALA A 487 -25.49 -1.59 -22.30
C ALA A 487 -26.40 -1.62 -23.51
N GLY A 488 -26.45 -2.76 -24.18
CA GLY A 488 -27.35 -2.92 -25.29
C GLY A 488 -26.95 -2.20 -26.56
N CYS A 489 -25.66 -1.89 -26.71
CA CYS A 489 -25.21 -1.17 -27.89
C CYS A 489 -25.14 -2.09 -29.10
N LYS A 490 -25.44 -1.53 -30.26
CA LYS A 490 -25.57 -2.30 -31.50
C LYS A 490 -24.36 -2.18 -32.40
N SER A 491 -23.93 -0.98 -32.73
CA SER A 491 -22.85 -0.76 -33.69
C SER A 491 -21.65 -0.12 -32.99
N SER A 492 -20.47 -0.41 -33.50
CA SER A 492 -19.22 0.15 -33.00
C SER A 492 -18.51 0.89 -34.12
N SER A 493 -17.76 1.93 -33.74
CA SER A 493 -17.05 2.73 -34.73
C SER A 493 -15.95 1.92 -35.40
N GLY A 494 -15.29 1.04 -34.65
CA GLY A 494 -14.20 0.24 -35.16
C GLY A 494 -13.00 0.30 -34.24
N ASN A 495 -11.94 -0.40 -34.64
CA ASN A 495 -10.74 -0.47 -33.81
C ASN A 495 -9.96 0.83 -33.87
N LYS A 496 -10.50 1.84 -34.56
CA LYS A 496 -9.94 3.20 -34.54
C LYS A 496 -9.69 3.66 -33.12
N LYS A 497 -8.77 4.58 -32.94
CA LYS A 497 -8.40 4.96 -31.57
C LYS A 497 -9.54 5.46 -30.70
N PRO A 498 -10.44 6.29 -31.26
CA PRO A 498 -11.56 6.64 -30.39
C PRO A 498 -12.67 5.64 -30.67
N ILE A 499 -13.01 4.80 -29.69
CA ILE A 499 -14.02 3.78 -29.91
C ILE A 499 -15.33 4.26 -29.33
N VAL A 500 -16.25 4.65 -30.19
CA VAL A 500 -17.53 5.19 -29.74
C VAL A 500 -18.64 4.28 -30.22
N PHE A 501 -19.32 3.62 -29.28
CA PHE A 501 -20.46 2.79 -29.60
C PHE A 501 -21.69 3.65 -29.85
N TYR A 502 -22.67 3.08 -30.55
CA TYR A 502 -23.89 3.79 -30.90
C TYR A 502 -25.11 2.94 -30.58
N ASN A 503 -26.23 3.59 -30.81
CA ASN A 503 -27.49 2.85 -30.81
C ASN A 503 -27.67 2.00 -29.56
N CYS A 504 -27.09 2.45 -28.44
CA CYS A 504 -27.20 1.71 -27.20
C CYS A 504 -28.64 1.65 -26.71
N SER A 505 -29.14 0.45 -26.47
CA SER A 505 -30.53 0.27 -26.05
C SER A 505 -30.82 0.89 -24.72
N CYS A 506 -29.87 0.84 -23.79
CA CYS A 506 -30.05 1.49 -22.50
C CYS A 506 -29.53 2.91 -22.70
N LEU A 507 -29.50 3.73 -21.66
CA LEU A 507 -29.46 5.17 -21.81
C LEU A 507 -30.76 5.60 -22.45
N GLU A 508 -31.87 5.12 -21.93
CA GLU A 508 -33.15 5.44 -22.54
C GLU A 508 -33.82 6.58 -21.80
N VAL A 509 -33.02 7.52 -21.30
CA VAL A 509 -33.60 8.69 -20.66
C VAL A 509 -34.37 9.48 -21.71
N THR A 510 -35.51 10.02 -21.32
CA THR A 510 -36.34 10.73 -22.29
C THR A 510 -35.86 12.15 -22.55
N GLY A 511 -34.97 12.65 -21.72
CA GLY A 511 -34.49 14.02 -21.86
C GLY A 511 -33.45 14.21 -22.93
N LEU A 512 -32.92 13.12 -23.47
CA LEU A 512 -31.91 13.20 -24.51
C LEU A 512 -32.29 12.38 -25.73
N GLN A 513 -33.59 12.22 -25.96
CA GLN A 513 -34.04 11.44 -27.10
C GLN A 513 -33.51 12.07 -28.37
N ASN A 514 -33.65 13.39 -28.47
CA ASN A 514 -33.12 14.09 -29.62
C ASN A 514 -31.63 13.91 -29.64
N ARG A 515 -31.03 13.84 -28.45
CA ARG A 515 -29.60 13.59 -28.37
C ARG A 515 -29.28 12.13 -28.65
N ASN A 516 -28.02 11.83 -28.87
CA ASN A 516 -27.61 10.46 -29.17
C ASN A 516 -27.33 9.70 -27.89
N TYR A 517 -26.89 8.45 -28.01
CA TYR A 517 -26.65 7.63 -26.83
C TYR A 517 -25.28 6.99 -26.87
N SER A 518 -24.38 7.55 -27.66
CA SER A 518 -23.02 7.02 -27.78
C SER A 518 -22.34 6.83 -26.45
N ALA A 519 -21.50 5.81 -26.36
CA ALA A 519 -20.75 5.59 -25.15
C ALA A 519 -19.37 5.12 -25.52
N HIS A 520 -18.36 5.80 -25.03
CA HIS A 520 -16.99 5.48 -25.37
C HIS A 520 -16.37 4.58 -24.31
N LEU A 521 -15.28 3.93 -24.66
CA LEU A 521 -14.71 2.99 -23.74
C LEU A 521 -14.26 3.63 -22.45
N GLY A 522 -13.81 2.80 -21.53
CA GLY A 522 -13.37 3.28 -20.21
C GLY A 522 -14.55 3.62 -19.38
N GLU A 523 -14.26 4.00 -18.14
CA GLU A 523 -15.32 4.51 -17.33
C GLU A 523 -15.21 5.98 -17.63
N CYS A 524 -16.19 6.78 -17.24
CA CYS A 524 -16.17 8.22 -17.41
C CYS A 524 -15.56 8.87 -16.17
N PRO A 525 -14.73 9.89 -16.33
CA PRO A 525 -14.05 10.46 -15.17
C PRO A 525 -15.03 11.17 -14.26
N ARG A 526 -14.65 11.29 -12.99
CA ARG A 526 -15.52 11.94 -12.02
C ARG A 526 -15.65 13.42 -12.33
N ASP A 527 -16.68 14.05 -11.78
CA ASP A 527 -16.89 15.46 -12.00
C ASP A 527 -15.70 16.23 -11.50
N ASP A 528 -15.49 17.41 -12.04
CA ASP A 528 -14.37 18.23 -11.62
C ASP A 528 -14.32 18.38 -10.12
N ALA A 529 -15.47 18.61 -9.50
CA ALA A 529 -15.48 18.85 -8.07
C ALA A 529 -14.69 17.78 -7.31
N CYS A 530 -14.78 16.53 -7.77
CA CYS A 530 -14.08 15.45 -7.08
C CYS A 530 -12.57 15.53 -7.31
N THR A 531 -12.17 15.81 -8.56
CA THR A 531 -10.77 16.07 -8.82
C THR A 531 -10.25 17.22 -7.96
N ARG A 532 -11.11 18.20 -7.68
CA ARG A 532 -10.71 19.29 -6.81
C ARG A 532 -10.52 18.77 -5.40
N LYS A 533 -11.49 18.02 -4.90
CA LYS A 533 -11.41 17.47 -3.55
C LYS A 533 -10.15 16.64 -3.37
N PHE A 534 -9.62 16.08 -4.46
CA PHE A 534 -8.37 15.31 -4.34
C PHE A 534 -7.25 16.15 -3.76
N TYR A 535 -7.25 17.46 -4.03
CA TYR A 535 -6.17 18.30 -3.52
C TYR A 535 -6.34 18.58 -2.03
N PHE A 536 -7.59 18.72 -1.57
CA PHE A 536 -7.82 18.73 -0.13
C PHE A 536 -7.35 17.43 0.49
N PHE A 537 -7.53 16.32 -0.22
CA PHE A 537 -7.04 15.04 0.28
C PHE A 537 -5.52 15.06 0.43
N VAL A 538 -4.83 15.57 -0.59
CA VAL A 538 -3.37 15.62 -0.53
C VAL A 538 -2.90 16.53 0.60
N ALA A 539 -3.58 17.65 0.79
CA ALA A 539 -3.19 18.58 1.85
C ALA A 539 -3.42 17.97 3.23
N ILE A 540 -4.56 17.32 3.43
CA ILE A 540 -4.84 16.68 4.71
C ILE A 540 -3.87 15.54 4.96
N GLN A 541 -3.49 14.81 3.91
CA GLN A 541 -2.51 13.76 4.06
C GLN A 541 -1.15 14.33 4.46
N VAL A 542 -0.75 15.43 3.83
CA VAL A 542 0.52 16.06 4.17
C VAL A 542 0.54 16.49 5.62
N LEU A 543 -0.52 17.18 6.07
CA LEU A 543 -0.56 17.65 7.45
C LEU A 543 -0.62 16.51 8.44
N ASN A 544 -1.45 15.51 8.16
CA ASN A 544 -1.55 14.33 9.02
C ASN A 544 -0.20 13.67 9.17
N LEU A 545 0.48 13.41 8.05
CA LEU A 545 1.75 12.72 8.12
C LEU A 545 2.83 13.58 8.77
N PHE A 546 2.76 14.90 8.61
CA PHE A 546 3.68 15.78 9.33
C PHE A 546 3.49 15.64 10.83
N PHE A 547 2.24 15.74 11.29
CA PHE A 547 2.00 15.63 12.73
C PHE A 547 2.26 14.22 13.25
N SER A 548 2.21 13.24 12.35
CA SER A 548 2.53 11.89 12.75
C SER A 548 4.02 11.78 12.96
N ALA A 549 4.79 12.28 12.00
CA ALA A 549 6.25 12.25 12.11
C ALA A 549 6.72 13.03 13.32
N LEU A 550 6.02 14.09 13.69
CA LEU A 550 6.43 14.91 14.82
C LEU A 550 6.55 14.05 16.07
N GLY A 551 5.80 12.95 16.14
CA GLY A 551 5.92 12.04 17.26
C GLY A 551 6.73 10.79 16.97
N GLY A 552 7.49 10.78 15.89
CA GLY A 552 8.22 9.57 15.51
C GLY A 552 9.27 9.17 16.52
N THR A 553 10.28 10.03 16.67
CA THR A 553 11.35 9.74 17.61
C THR A 553 10.81 9.53 19.00
N SER A 554 9.78 10.28 19.35
CA SER A 554 9.20 10.18 20.68
C SER A 554 8.87 8.74 21.05
N HIS A 555 8.50 7.93 20.06
CA HIS A 555 8.19 6.54 20.31
C HIS A 555 9.41 5.79 20.86
N VAL A 556 10.55 5.95 20.19
CA VAL A 556 11.76 5.26 20.62
C VAL A 556 12.22 5.80 21.98
N MET A 557 12.17 7.12 22.15
CA MET A 557 12.60 7.70 23.43
C MET A 557 11.73 7.21 24.57
N LEU A 558 10.42 7.16 24.36
CA LEU A 558 9.52 6.65 25.38
C LEU A 558 9.76 5.18 25.67
N ILE A 559 9.92 4.34 24.65
CA ILE A 559 10.05 2.90 24.91
C ILE A 559 11.27 2.58 25.74
N VAL A 560 12.13 3.58 25.96
CA VAL A 560 13.34 3.38 26.75
C VAL A 560 13.29 3.96 28.16
N LYS A 561 12.34 4.84 28.42
CA LYS A 561 12.19 5.39 29.77
C LYS A 561 11.06 4.71 30.52
N ILE A 562 10.16 4.05 29.80
CA ILE A 562 9.09 3.31 30.44
C ILE A 562 9.63 2.02 31.05
N VAL A 563 10.79 1.57 30.58
CA VAL A 563 11.36 0.31 31.06
C VAL A 563 12.64 0.50 31.85
N GLN A 564 12.89 -0.40 32.79
CA GLN A 564 14.11 -0.36 33.59
C GLN A 564 15.33 -0.29 32.68
N PRO A 565 16.42 0.34 33.14
CA PRO A 565 17.55 0.59 32.24
C PRO A 565 18.22 -0.68 31.72
N GLU A 566 18.33 -1.71 32.56
CA GLU A 566 19.00 -2.95 32.17
C GLU A 566 18.18 -3.84 31.24
N LEU A 567 16.99 -3.41 30.86
CA LEU A 567 16.13 -4.24 30.01
C LEU A 567 15.94 -3.58 28.67
N LYS A 568 16.45 -2.36 28.53
CA LYS A 568 16.25 -1.61 27.29
C LYS A 568 16.43 -2.34 25.97
N SER A 569 17.61 -2.89 25.73
CA SER A 569 17.83 -3.57 24.47
C SER A 569 16.74 -4.61 24.20
N LEU A 570 16.43 -5.45 25.20
CA LEU A 570 15.42 -6.47 25.02
C LEU A 570 14.03 -5.86 24.85
N ALA A 571 13.76 -4.79 25.60
CA ALA A 571 12.44 -4.15 25.52
C ALA A 571 12.22 -3.55 24.14
N LEU A 572 13.20 -2.79 23.64
CA LEU A 572 13.05 -2.17 22.32
C LEU A 572 13.05 -3.22 21.22
N GLY A 573 13.82 -4.31 21.42
CA GLY A 573 13.80 -5.38 20.45
C GLY A 573 12.44 -6.06 20.36
N PHE A 574 11.85 -6.36 21.52
CA PHE A 574 10.51 -6.95 21.55
C PHE A 574 9.48 -5.98 20.98
N HIS A 575 9.67 -4.70 21.21
CA HIS A 575 8.76 -3.71 20.65
C HIS A 575 8.82 -3.79 19.14
N SER A 576 10.01 -3.69 18.58
CA SER A 576 10.16 -3.72 17.13
C SER A 576 9.62 -5.01 16.55
N MET A 577 9.89 -6.14 17.21
CA MET A 577 9.42 -7.43 16.71
C MET A 577 7.90 -7.49 16.70
N VAL A 578 7.26 -7.09 17.81
CA VAL A 578 5.80 -7.13 17.88
C VAL A 578 5.20 -6.20 16.84
N ILE A 579 5.70 -4.98 16.74
CA ILE A 579 5.17 -4.02 15.76
C ILE A 579 5.30 -4.53 14.33
N ARG A 580 6.51 -4.92 13.93
CA ARG A 580 6.71 -5.46 12.60
C ARG A 580 5.82 -6.68 12.33
N ALA A 581 5.95 -7.71 13.16
CA ALA A 581 5.19 -8.93 12.92
C ALA A 581 3.70 -8.66 12.88
N LEU A 582 3.10 -8.30 14.01
CA LEU A 582 1.63 -8.12 14.02
C LEU A 582 1.14 -7.08 13.01
N GLY A 583 1.62 -5.86 13.07
CA GLY A 583 1.15 -4.84 12.16
C GLY A 583 1.39 -5.24 10.74
N GLY A 584 2.61 -5.62 10.41
CA GLY A 584 2.95 -6.00 9.05
C GLY A 584 2.28 -7.20 8.42
N ILE A 585 2.10 -8.27 9.18
CA ILE A 585 1.54 -9.48 8.61
C ILE A 585 0.03 -9.48 8.69
N LEU A 586 -0.55 -8.96 9.76
CA LEU A 586 -1.99 -9.02 9.96
C LEU A 586 -2.73 -7.82 9.39
N ALA A 587 -2.23 -6.61 9.59
CA ALA A 587 -2.99 -5.45 9.12
C ALA A 587 -3.21 -5.35 7.63
N PRO A 588 -2.18 -5.62 6.81
CA PRO A 588 -2.51 -5.60 5.40
C PRO A 588 -3.53 -6.67 5.10
N ILE A 589 -3.60 -7.71 5.94
CA ILE A 589 -4.52 -8.81 5.65
C ILE A 589 -5.98 -8.47 5.92
N TYR A 590 -6.33 -8.11 7.16
CA TYR A 590 -7.73 -7.87 7.48
C TYR A 590 -8.23 -6.57 6.87
N PHE A 591 -7.34 -5.63 6.59
CA PHE A 591 -7.78 -4.44 5.87
C PHE A 591 -8.20 -4.88 4.47
N GLY A 592 -7.41 -5.76 3.84
CA GLY A 592 -7.79 -6.25 2.53
C GLY A 592 -9.05 -7.10 2.57
N ALA A 593 -9.25 -7.86 3.64
CA ALA A 593 -10.46 -8.65 3.76
C ALA A 593 -11.69 -7.76 3.80
N LEU A 594 -11.63 -6.70 4.58
CA LEU A 594 -12.77 -5.80 4.68
C LEU A 594 -12.96 -5.00 3.39
N ILE A 595 -11.90 -4.55 2.73
CA ILE A 595 -12.00 -3.90 1.42
C ILE A 595 -12.58 -4.87 0.39
N ASP A 596 -12.26 -6.16 0.51
CA ASP A 596 -12.87 -7.17 -0.31
C ASP A 596 -14.37 -7.23 -0.09
N THR A 597 -14.79 -7.28 1.17
CA THR A 597 -16.22 -7.24 1.46
C THR A 597 -16.89 -5.97 0.93
N THR A 598 -16.12 -4.95 0.56
CA THR A 598 -16.69 -3.77 -0.08
C THR A 598 -16.72 -3.85 -1.60
N CYS A 599 -16.09 -4.86 -2.20
CA CYS A 599 -16.00 -4.92 -3.65
C CYS A 599 -17.35 -5.24 -4.27
N ILE A 600 -17.61 -4.67 -5.45
CA ILE A 600 -18.88 -4.86 -6.13
C ILE A 600 -18.82 -5.83 -7.30
N LYS A 601 -17.78 -5.73 -8.13
CA LYS A 601 -17.67 -6.58 -9.30
C LYS A 601 -16.33 -7.24 -9.33
N TRP A 602 -16.31 -8.56 -9.45
CA TRP A 602 -15.07 -9.29 -9.50
C TRP A 602 -14.85 -9.83 -10.90
N SER A 603 -13.61 -10.18 -11.23
CA SER A 603 -13.32 -10.66 -12.58
C SER A 603 -12.97 -12.13 -12.58
N THR A 604 -13.47 -12.87 -13.57
CA THR A 604 -13.21 -14.30 -13.61
C THR A 604 -11.72 -14.54 -13.77
N ASN A 605 -11.18 -15.53 -13.08
CA ASN A 605 -9.77 -15.85 -13.24
C ASN A 605 -9.59 -16.76 -14.43
N ASN A 606 -8.47 -17.46 -14.49
CA ASN A 606 -8.25 -18.39 -15.59
C ASN A 606 -9.39 -19.38 -15.63
N CYS A 607 -9.66 -20.01 -14.48
CA CYS A 607 -10.75 -21.00 -14.40
C CYS A 607 -11.78 -20.70 -13.36
N GLY A 608 -12.75 -19.89 -13.69
CA GLY A 608 -13.86 -19.68 -12.78
C GLY A 608 -13.66 -19.41 -11.31
N THR A 609 -12.72 -18.55 -10.98
CA THR A 609 -12.53 -18.16 -9.60
C THR A 609 -12.43 -16.67 -9.39
N ARG A 610 -13.13 -16.16 -8.37
CA ARG A 610 -13.07 -14.74 -8.07
C ARG A 610 -11.63 -14.39 -8.36
N GLY A 611 -11.42 -13.39 -9.19
CA GLY A 611 -10.08 -12.88 -9.43
C GLY A 611 -9.80 -11.60 -8.68
N SER A 612 -9.80 -10.47 -9.37
CA SER A 612 -9.51 -9.20 -8.74
C SER A 612 -10.73 -8.32 -8.75
N CYS A 613 -10.65 -7.13 -8.17
CA CYS A 613 -11.83 -6.28 -8.07
C CYS A 613 -11.80 -5.17 -9.09
N ARG A 614 -12.80 -5.12 -9.95
CA ARG A 614 -12.81 -4.12 -11.00
C ARG A 614 -13.38 -2.79 -10.54
N THR A 615 -14.37 -2.80 -9.66
CA THR A 615 -14.92 -1.56 -9.12
C THR A 615 -15.39 -1.72 -7.69
N TYR A 616 -15.26 -0.68 -6.88
CA TYR A 616 -15.62 -0.78 -5.48
C TYR A 616 -16.79 0.11 -5.13
N ASN A 617 -17.34 -0.05 -3.93
CA ASN A 617 -18.42 0.79 -3.48
C ASN A 617 -17.70 1.89 -2.74
N SER A 618 -17.30 2.93 -3.46
CA SER A 618 -16.50 3.99 -2.85
C SER A 618 -16.90 4.31 -1.43
N THR A 619 -18.16 4.60 -1.18
CA THR A 619 -18.59 5.00 0.16
C THR A 619 -18.24 3.95 1.20
N SER A 620 -18.52 2.68 0.90
CA SER A 620 -18.18 1.61 1.82
C SER A 620 -16.68 1.42 1.94
N PHE A 621 -15.95 1.59 0.85
CA PHE A 621 -14.51 1.50 0.91
C PHE A 621 -14.07 2.46 1.97
N SER A 622 -14.67 3.63 1.99
CA SER A 622 -14.32 4.63 2.99
C SER A 622 -14.61 4.16 4.39
N ARG A 623 -15.85 3.78 4.65
CA ARG A 623 -16.23 3.37 6.00
C ARG A 623 -15.37 2.21 6.52
N VAL A 624 -14.86 1.37 5.63
CA VAL A 624 -14.06 0.23 6.03
C VAL A 624 -12.59 0.59 6.10
N TYR A 625 -12.14 1.49 5.22
CA TYR A 625 -10.74 1.93 5.22
C TYR A 625 -10.50 3.08 6.18
N LEU A 626 -11.09 4.23 5.89
CA LEU A 626 -10.94 5.38 6.78
C LEU A 626 -11.45 5.01 8.16
N GLY A 627 -12.51 4.21 8.23
CA GLY A 627 -13.08 3.83 9.52
C GLY A 627 -12.23 2.95 10.41
N LEU A 628 -11.65 1.89 9.85
CA LEU A 628 -10.82 0.99 10.63
C LEU A 628 -9.53 1.67 11.03
N SER A 629 -9.09 2.64 10.24
CA SER A 629 -7.85 3.34 10.55
C SER A 629 -8.10 4.32 11.68
N SER A 630 -9.29 4.91 11.73
CA SER A 630 -9.64 5.85 12.76
C SER A 630 -9.87 5.22 14.10
N MET A 631 -10.47 4.04 14.15
CA MET A 631 -10.78 3.41 15.42
C MET A 631 -9.49 2.90 15.98
N LEU A 632 -8.65 2.33 15.13
CA LEU A 632 -7.37 1.89 15.60
C LEU A 632 -6.67 3.10 16.18
N ARG A 633 -6.71 4.22 15.47
CA ARG A 633 -6.09 5.43 16.00
C ARG A 633 -6.75 5.92 17.28
N VAL A 634 -8.08 6.06 17.29
CA VAL A 634 -8.76 6.57 18.47
C VAL A 634 -8.44 5.70 19.66
N SER A 635 -8.42 4.39 19.45
CA SER A 635 -8.09 3.48 20.54
C SER A 635 -6.68 3.68 21.04
N SER A 636 -5.77 4.00 20.13
CA SER A 636 -4.42 4.28 20.54
C SER A 636 -4.42 5.54 21.39
N LEU A 637 -5.15 6.55 20.95
CA LEU A 637 -5.21 7.79 21.71
C LEU A 637 -5.79 7.51 23.09
N VAL A 638 -6.83 6.69 23.16
CA VAL A 638 -7.48 6.44 24.43
C VAL A 638 -6.50 5.81 25.42
N LEU A 639 -5.69 4.86 24.96
CA LEU A 639 -4.70 4.24 25.84
C LEU A 639 -3.62 5.23 26.24
N TYR A 640 -3.23 6.11 25.32
CA TYR A 640 -2.24 7.11 25.64
C TYR A 640 -2.74 7.91 26.82
N ILE A 641 -3.98 8.36 26.73
CA ILE A 641 -4.53 9.18 27.80
C ILE A 641 -4.39 8.41 29.09
N ILE A 642 -4.69 7.12 29.05
CA ILE A 642 -4.57 6.30 30.24
C ILE A 642 -3.12 6.24 30.64
N LEU A 643 -2.24 6.06 29.67
CA LEU A 643 -0.82 5.92 29.96
C LEU A 643 -0.30 7.19 30.59
N ILE A 644 -0.66 8.33 30.03
CA ILE A 644 -0.24 9.58 30.62
C ILE A 644 -0.77 9.62 32.06
N TYR A 645 -2.05 9.34 32.27
CA TYR A 645 -2.51 9.41 33.64
C TYR A 645 -1.59 8.59 34.53
N ALA A 646 -1.32 7.36 34.14
CA ALA A 646 -0.50 6.49 34.98
C ALA A 646 0.91 7.02 35.20
N MET A 647 1.51 7.55 34.14
CA MET A 647 2.85 8.09 34.27
C MET A 647 2.84 9.31 35.17
N LYS A 648 1.79 10.12 35.07
CA LYS A 648 1.68 11.29 35.94
C LYS A 648 1.62 10.84 37.37
N LYS A 649 1.23 9.60 37.60
CA LYS A 649 1.10 9.09 38.96
C LYS A 649 2.37 8.40 39.43
N LYS A 650 2.88 7.49 38.63
CA LYS A 650 4.08 6.75 39.02
C LYS A 650 5.24 7.64 39.44
N TYR A 651 5.42 8.78 38.80
CA TYR A 651 6.57 9.64 39.10
C TYR A 651 6.21 10.69 40.12
N GLN A 652 4.96 10.67 40.56
CA GLN A 652 4.49 11.73 41.45
C GLN A 652 3.54 11.17 42.51
C1 NAG B . -28.85 2.83 -35.52
C2 NAG B . -28.43 2.04 -36.74
C3 NAG B . -28.68 2.87 -38.00
C4 NAG B . -30.10 3.38 -38.00
C5 NAG B . -30.41 4.12 -36.71
C6 NAG B . -31.85 4.63 -36.68
C7 NAG B . -26.66 0.55 -36.06
C8 NAG B . -26.49 -0.64 -36.96
N2 NAG B . -27.04 1.67 -36.67
O3 NAG B . -28.45 2.07 -39.17
O4 NAG B . -30.28 4.27 -39.12
O5 NAG B . -30.21 3.23 -35.61
O6 NAG B . -32.75 3.52 -36.74
O7 NAG B . -26.46 0.49 -34.85
C1 NAG B . -31.27 3.70 -39.97
C2 NAG B . -31.36 4.47 -41.27
C3 NAG B . -32.33 3.80 -42.23
C4 NAG B . -33.10 2.66 -41.55
C5 NAG B . -32.17 1.68 -40.82
C6 NAG B . -31.70 0.56 -41.75
C7 NAG B . -32.54 6.17 -39.98
C8 NAG B . -31.99 7.22 -39.07
N2 NAG B . -31.76 5.84 -41.01
O3 NAG B . -31.61 3.31 -43.37
O4 NAG B . -34.06 3.20 -40.63
O5 NAG B . -31.03 2.33 -40.27
O6 NAG B . -30.67 1.06 -42.63
O7 NAG B . -33.64 5.65 -39.80
C10 FY5 C . 7.58 6.98 4.13
C13 FY5 C . 2.14 5.78 6.60
C15 FY5 C . 1.92 7.05 4.40
C17 FY5 C . -0.26 7.70 3.61
C01 FY5 C . 5.88 8.55 4.83
C02 FY5 C . 6.08 7.21 4.08
C03 FY5 C . 5.43 7.24 2.68
C04 FY5 C . 3.90 7.12 2.78
C05 FY5 C . 3.44 7.08 4.24
C06 FY5 C . 4.08 5.92 5.02
C07 FY5 C . 5.59 5.97 4.85
C08 FY5 C . 6.55 5.89 6.04
C09 FY5 C . 7.90 6.14 5.35
C12 FY5 C . 3.64 5.98 6.48
C14 FY5 C . 1.32 6.41 5.48
C16 FY5 C . 1.10 7.70 3.47
C18 FY5 C . -0.85 7.06 4.67
C19 FY5 C . -0.06 6.39 5.60
O11 FY5 C . 8.38 7.38 3.33
O20 FY5 C . -2.26 7.08 4.88
O22 FY5 C . -2.55 9.21 5.90
O23 FY5 C . -2.62 9.15 3.54
O24 FY5 C . -4.43 8.16 4.93
S21 FY5 C . -3.08 8.46 4.68
C1 NAG D . -25.86 13.29 -31.29
C2 NAG D . -25.37 14.71 -31.00
C3 NAG D . -25.23 15.50 -32.28
C4 NAG D . -24.41 14.73 -33.30
C5 NAG D . -24.99 13.33 -33.48
C6 NAG D . -24.20 12.54 -34.50
C7 NAG D . -27.27 16.15 -30.50
C8 NAG D . -27.25 17.55 -29.96
N2 NAG D . -26.28 15.37 -30.08
O3 NAG D . -24.60 16.76 -32.01
O4 NAG D . -24.41 15.42 -34.55
O5 NAG D . -24.99 12.66 -32.23
O6 NAG D . -24.92 11.34 -34.83
O7 NAG D . -28.15 15.76 -31.26
#